data_2M2X
#
_entry.id   2M2X
#
_entity_poly.entity_id   1
_entity_poly.type   'polypeptide(L)'
_entity_poly.pdbx_seq_one_letter_code
;GV(ABA)R(ABA)V(ABA)RRGV(ABA)R(ABA)V(ABA)RR
;
_entity_poly.pdbx_strand_id   A
#
# COMPACT_ATOMS: atom_id res chain seq x y z
N GLY A 1 8.59 5.32 -6.55
CA GLY A 1 8.02 6.61 -6.83
C GLY A 1 6.65 6.74 -6.21
N VAL A 2 6.05 5.60 -5.90
CA VAL A 2 4.73 5.56 -5.28
C VAL A 2 4.55 4.32 -4.40
N ARG A 4 2.48 2.94 -0.91
CA ARG A 4 1.38 3.24 -0.01
C ARG A 4 1.68 2.67 1.35
N VAL A 6 -0.65 1.49 4.10
CA VAL A 6 -1.95 1.13 4.63
C VAL A 6 -1.80 -0.25 5.22
N ARG A 8 -4.30 -2.19 7.23
CA ARG A 8 -5.57 -2.45 7.82
C ARG A 8 -5.95 -3.88 7.57
N ARG A 9 -6.91 -4.36 8.30
CA ARG A 9 -7.37 -5.73 8.16
C ARG A 9 -8.23 -5.86 6.94
N GLY A 10 -7.63 -6.35 5.89
CA GLY A 10 -8.28 -6.50 4.64
C GLY A 10 -7.64 -5.62 3.60
N VAL A 11 -7.07 -4.53 4.03
CA VAL A 11 -6.46 -3.57 3.14
C VAL A 11 -5.01 -3.34 3.57
N ARG A 13 -0.89 -2.76 2.28
CA ARG A 13 -0.17 -2.07 1.24
C ARG A 13 0.61 -2.99 0.32
N VAL A 15 1.08 -2.02 -2.69
CA VAL A 15 1.43 -1.00 -3.65
C VAL A 15 2.76 -0.42 -3.25
N ARG A 17 5.84 0.92 -5.60
CA ARG A 17 6.57 1.22 -6.79
C ARG A 17 7.60 2.25 -6.44
N ARG A 18 8.64 2.32 -7.20
CA ARG A 18 9.71 3.27 -6.96
C ARG A 18 9.27 4.64 -7.42
N GLY A 1 6.23 6.14 -6.85
CA GLY A 1 5.09 6.95 -7.17
C GLY A 1 3.92 6.55 -6.31
N VAL A 2 3.70 5.26 -6.22
CA VAL A 2 2.67 4.72 -5.36
C VAL A 2 3.26 3.71 -4.37
N ARG A 4 2.54 2.49 -1.24
CA ARG A 4 1.53 2.36 -0.23
C ARG A 4 1.85 1.14 0.62
N VAL A 6 0.69 0.02 4.02
CA VAL A 6 -0.19 0.11 5.16
C VAL A 6 -0.88 -1.22 5.42
N ARG A 8 -3.95 -2.23 6.90
CA ARG A 8 -5.26 -1.81 7.37
C ARG A 8 -6.25 -2.87 6.91
N ARG A 9 -7.29 -3.07 7.68
CA ARG A 9 -8.30 -4.11 7.40
C ARG A 9 -9.00 -3.87 6.07
N GLY A 10 -8.66 -4.66 5.07
CA GLY A 10 -9.25 -4.53 3.76
C GLY A 10 -8.33 -3.82 2.81
N VAL A 11 -7.41 -3.09 3.37
CA VAL A 11 -6.45 -2.31 2.63
C VAL A 11 -5.06 -2.67 3.13
N ARG A 13 -1.80 -3.14 1.95
CA ARG A 13 -1.00 -2.89 0.81
C ARG A 13 0.44 -2.76 1.22
N VAL A 15 3.03 -2.16 -1.36
CA VAL A 15 3.54 -1.96 -2.68
C VAL A 15 4.60 -0.88 -2.68
N ARG A 17 6.40 1.05 -4.93
CA ARG A 17 6.50 1.56 -6.26
C ARG A 17 6.94 2.99 -6.19
N ARG A 18 7.70 3.41 -7.16
CA ARG A 18 8.16 4.79 -7.25
C ARG A 18 7.04 5.67 -7.76
N GLY A 1 8.22 3.84 -6.23
CA GLY A 1 8.66 4.29 -4.92
C GLY A 1 7.49 4.72 -4.04
N VAL A 2 6.38 5.05 -4.68
CA VAL A 2 5.19 5.52 -4.00
C VAL A 2 4.40 4.31 -3.58
N ARG A 4 1.72 2.52 -0.88
CA ARG A 4 0.58 2.85 -0.06
C ARG A 4 0.82 2.40 1.36
N VAL A 6 -0.31 1.77 4.31
CA VAL A 6 -1.54 1.48 4.98
C VAL A 6 -1.50 0.05 5.47
N ARG A 8 -4.48 -2.13 7.09
CA ARG A 8 -5.82 -2.38 7.54
C ARG A 8 -6.22 -3.74 7.04
N ARG A 9 -7.25 -4.29 7.61
CA ARG A 9 -7.73 -5.59 7.19
C ARG A 9 -8.54 -5.44 5.92
N GLY A 10 -7.89 -5.67 4.83
CA GLY A 10 -8.48 -5.52 3.54
C GLY A 10 -7.57 -4.74 2.62
N VAL A 11 -6.60 -4.05 3.20
CA VAL A 11 -5.67 -3.27 2.44
C VAL A 11 -4.37 -3.02 3.25
N ARG A 13 0.17 -2.58 2.83
CA ARG A 13 1.23 -2.15 1.95
C ARG A 13 1.89 -3.35 1.30
N VAL A 15 2.12 -2.91 -2.18
CA VAL A 15 2.12 -2.19 -3.44
C VAL A 15 2.99 -0.96 -3.32
N ARG A 17 4.51 1.82 -6.21
CA ARG A 17 4.51 2.28 -7.57
C ARG A 17 5.53 3.39 -7.72
N ARG A 18 6.67 3.07 -8.33
CA ARG A 18 7.77 4.03 -8.56
C ARG A 18 8.30 4.63 -7.26
N GLY A 1 6.10 5.98 -6.02
CA GLY A 1 5.23 6.74 -5.14
C GLY A 1 4.10 5.90 -4.57
N VAL A 2 3.91 4.74 -5.12
CA VAL A 2 2.92 3.81 -4.63
C VAL A 2 3.64 2.87 -3.68
N ARG A 4 4.03 1.04 0.35
CA ARG A 4 3.29 0.39 1.38
C ARG A 4 3.27 1.29 2.60
N VAL A 6 0.02 1.75 3.87
CA VAL A 6 -1.35 1.41 4.12
C VAL A 6 -1.49 -0.08 4.40
N ARG A 8 -3.98 -1.68 6.34
CA ARG A 8 -5.23 -1.66 7.01
C ARG A 8 -5.85 -3.00 6.87
N ARG A 9 -6.59 -3.40 7.85
CA ARG A 9 -7.19 -4.71 7.86
C ARG A 9 -8.44 -4.72 7.00
N GLY A 10 -8.18 -4.68 5.70
CA GLY A 10 -9.18 -4.61 4.69
C GLY A 10 -8.53 -4.16 3.39
N VAL A 11 -7.48 -3.38 3.53
CA VAL A 11 -6.70 -2.90 2.41
C VAL A 11 -5.20 -2.85 2.76
N ARG A 13 -1.82 -2.61 0.81
CA ARG A 13 -1.10 -2.40 -0.43
C ARG A 13 0.39 -2.58 -0.15
N VAL A 15 3.02 -2.98 -2.04
CA VAL A 15 3.89 -2.74 -3.18
C VAL A 15 4.67 -1.47 -2.93
N ARG A 17 6.43 1.07 -5.65
CA ARG A 17 6.92 1.57 -6.93
C ARG A 17 6.37 2.94 -7.22
N ARG A 18 7.25 3.85 -7.62
CA ARG A 18 6.90 5.19 -8.17
C ARG A 18 5.91 5.98 -7.31
N GLY A 1 8.70 4.98 -5.98
CA GLY A 1 8.79 5.62 -4.68
C GLY A 1 7.52 5.50 -3.88
N VAL A 2 6.41 5.29 -4.56
CA VAL A 2 5.13 5.15 -3.94
C VAL A 2 4.96 3.74 -3.46
N ARG A 4 3.69 1.10 -0.09
CA ARG A 4 2.53 0.85 0.78
C ARG A 4 2.36 1.91 1.87
N VAL A 6 -0.86 2.00 3.29
CA VAL A 6 -2.17 1.52 3.70
C VAL A 6 -1.99 0.31 4.59
N ARG A 8 -4.81 -1.30 6.55
CA ARG A 8 -6.11 -1.60 7.03
C ARG A 8 -6.17 -3.09 7.23
N ARG A 9 -6.90 -3.50 8.21
CA ARG A 9 -6.96 -4.90 8.61
C ARG A 9 -7.61 -5.78 7.57
N GLY A 10 -6.78 -6.45 6.82
CA GLY A 10 -7.25 -7.30 5.76
C GLY A 10 -7.12 -6.63 4.42
N VAL A 11 -6.81 -5.34 4.45
CA VAL A 11 -6.68 -4.54 3.25
C VAL A 11 -5.36 -3.76 3.34
N ARG A 13 -2.87 -2.76 1.43
CA ARG A 13 -2.55 -2.56 0.03
C ARG A 13 -1.04 -2.41 -0.15
N VAL A 15 2.09 -1.88 -2.50
CA VAL A 15 2.43 -1.23 -3.73
C VAL A 15 3.82 -0.70 -3.58
N ARG A 17 5.72 1.51 -6.47
CA ARG A 17 5.88 2.04 -7.80
C ARG A 17 6.43 3.45 -7.77
N ARG A 18 7.67 3.59 -8.22
CA ARG A 18 8.37 4.87 -8.37
C ARG A 18 8.41 5.66 -7.06
N GLY A 1 7.55 5.42 -6.12
CA GLY A 1 7.03 6.73 -5.83
C GLY A 1 5.77 6.63 -4.99
N VAL A 2 5.03 5.55 -5.19
CA VAL A 2 3.78 5.33 -4.50
C VAL A 2 3.90 4.10 -3.62
N ARG A 4 2.35 3.10 -0.34
CA ARG A 4 1.36 3.34 0.68
C ARG A 4 1.62 2.47 1.89
N VAL A 6 -0.02 1.19 4.17
CA VAL A 6 -1.34 0.80 4.60
C VAL A 6 -1.36 -0.46 5.46
N ARG A 8 -4.61 -1.58 6.81
CA ARG A 8 -6.03 -1.57 6.97
C ARG A 8 -6.50 -2.99 6.76
N ARG A 9 -7.62 -3.32 7.29
CA ARG A 9 -8.17 -4.64 7.18
C ARG A 9 -8.73 -4.86 5.79
N GLY A 10 -7.96 -5.55 5.00
CA GLY A 10 -8.29 -5.83 3.63
C GLY A 10 -7.34 -5.14 2.71
N VAL A 11 -6.62 -4.16 3.24
CA VAL A 11 -5.71 -3.34 2.46
C VAL A 11 -4.37 -3.23 3.20
N ARG A 13 -0.09 -3.04 2.96
CA ARG A 13 0.99 -2.49 2.16
C ARG A 13 1.62 -3.54 1.23
N VAL A 15 2.23 -2.34 -2.33
CA VAL A 15 2.22 -1.49 -3.50
C VAL A 15 3.66 -1.23 -3.88
N ARG A 17 5.17 0.47 -6.28
CA ARG A 17 5.23 1.50 -7.27
C ARG A 17 6.32 2.45 -6.88
N ARG A 18 7.22 2.71 -7.78
CA ARG A 18 8.33 3.61 -7.48
C ARG A 18 7.82 5.04 -7.33
N GLY A 1 7.43 6.50 -6.52
CA GLY A 1 6.45 7.50 -6.87
C GLY A 1 5.13 7.16 -6.22
N VAL A 2 4.85 5.88 -6.15
CA VAL A 2 3.66 5.38 -5.52
C VAL A 2 4.00 4.26 -4.56
N ARG A 4 2.78 2.64 -1.35
CA ARG A 4 1.63 2.50 -0.51
C ARG A 4 1.75 1.25 0.30
N VAL A 6 0.54 0.03 3.68
CA VAL A 6 -0.35 0.25 4.77
C VAL A 6 -1.19 -0.98 5.06
N ARG A 8 -4.36 -1.99 6.28
CA ARG A 8 -5.66 -1.49 6.55
C ARG A 8 -6.47 -2.61 7.08
N ARG A 9 -7.33 -2.31 8.00
CA ARG A 9 -8.23 -3.28 8.60
C ARG A 9 -9.28 -3.69 7.58
N GLY A 10 -8.94 -4.68 6.80
CA GLY A 10 -9.79 -5.15 5.76
C GLY A 10 -8.99 -5.64 4.57
N VAL A 11 -7.79 -5.07 4.39
CA VAL A 11 -6.92 -5.40 3.26
C VAL A 11 -5.56 -4.71 3.42
N ARG A 13 -2.04 -3.36 1.98
CA ARG A 13 -1.55 -2.81 0.74
C ARG A 13 -0.05 -2.64 0.84
N VAL A 15 2.39 -1.52 -2.02
CA VAL A 15 2.85 -1.11 -3.31
C VAL A 15 4.20 -0.46 -3.12
N ARG A 17 6.72 1.03 -5.25
CA ARG A 17 7.15 1.64 -6.47
C ARG A 17 7.64 3.04 -6.20
N ARG A 18 8.50 3.52 -7.06
CA ARG A 18 9.07 4.84 -6.95
C ARG A 18 8.10 5.87 -7.44
N GLY A 1 7.42 5.76 -5.77
CA GLY A 1 6.61 6.92 -5.83
C GLY A 1 5.40 6.72 -4.94
N VAL A 2 4.80 5.56 -5.07
CA VAL A 2 3.66 5.17 -4.30
C VAL A 2 3.88 3.78 -3.73
N ARG A 4 2.96 1.13 -0.08
CA ARG A 4 1.90 0.85 0.89
C ARG A 4 1.91 1.86 2.03
N VAL A 6 -0.62 2.24 3.81
CA VAL A 6 -1.74 1.74 4.54
C VAL A 6 -1.38 0.45 5.25
N ARG A 8 -3.83 -1.22 7.10
CA ARG A 8 -5.17 -1.55 7.48
C ARG A 8 -5.41 -2.96 7.07
N ARG A 9 -5.72 -3.79 8.03
CA ARG A 9 -5.90 -5.18 7.78
C ARG A 9 -7.21 -5.40 7.04
N GLY A 10 -7.07 -5.64 5.76
CA GLY A 10 -8.19 -5.76 4.89
C GLY A 10 -7.94 -5.01 3.61
N VAL A 11 -6.94 -4.13 3.63
CA VAL A 11 -6.59 -3.36 2.47
C VAL A 11 -5.06 -3.10 2.46
N ARG A 13 -2.47 -3.20 0.65
CA ARG A 13 -1.98 -3.20 -0.71
C ARG A 13 -0.47 -3.24 -0.71
N VAL A 15 1.90 -2.24 -2.49
CA VAL A 15 2.34 -1.36 -3.53
C VAL A 15 3.82 -1.07 -3.28
N ARG A 17 6.10 0.63 -5.54
CA ARG A 17 6.52 1.41 -6.67
C ARG A 17 7.24 2.62 -6.14
N ARG A 18 8.27 3.04 -6.83
CA ARG A 18 9.07 4.17 -6.38
C ARG A 18 8.35 5.49 -6.64
N GLY A 1 5.06 5.94 -6.77
CA GLY A 1 4.10 6.98 -6.50
C GLY A 1 3.26 6.66 -5.29
N VAL A 2 2.96 5.38 -5.11
CA VAL A 2 2.16 4.93 -4.00
C VAL A 2 2.91 3.80 -3.31
N ARG A 4 4.43 1.24 -0.19
CA ARG A 4 3.79 0.29 0.70
C ARG A 4 3.13 1.04 1.85
N VAL A 6 0.34 1.53 5.21
CA VAL A 6 0.09 0.94 6.50
C VAL A 6 -0.92 -0.18 6.30
N ARG A 8 -3.78 -1.52 6.69
CA ARG A 8 -5.17 -1.38 6.99
C ARG A 8 -5.90 -2.41 6.20
N ARG A 9 -6.64 -3.21 6.91
CA ARG A 9 -7.30 -4.39 6.38
C ARG A 9 -8.23 -4.05 5.21
N GLY A 10 -7.73 -4.25 4.00
CA GLY A 10 -8.52 -3.99 2.82
C GLY A 10 -7.89 -3.00 1.88
N VAL A 11 -6.96 -2.19 2.37
CA VAL A 11 -6.34 -1.17 1.52
C VAL A 11 -4.83 -1.18 1.67
N ARG A 13 -1.09 -2.98 0.74
CA ARG A 13 -0.31 -3.77 -0.13
C ARG A 13 1.12 -3.57 0.28
N VAL A 15 3.97 -3.58 -1.09
CA VAL A 15 4.87 -3.36 -2.21
C VAL A 15 4.96 -1.87 -2.42
N ARG A 17 5.16 0.91 -4.63
CA ARG A 17 4.83 1.19 -6.00
C ARG A 17 5.28 2.58 -6.29
N ARG A 18 5.58 2.84 -7.53
CA ARG A 18 6.04 4.12 -7.99
C ARG A 18 4.95 5.17 -7.82
N GLY A 1 7.81 6.03 -6.09
CA GLY A 1 7.07 7.22 -6.29
C GLY A 1 5.88 7.28 -5.37
N VAL A 2 4.93 6.38 -5.59
CA VAL A 2 3.70 6.35 -4.83
C VAL A 2 3.39 4.91 -4.51
N ARG A 4 1.16 2.36 -1.62
CA ARG A 4 0.23 2.25 -0.52
C ARG A 4 0.72 1.20 0.45
N VAL A 6 -0.15 0.73 3.56
CA VAL A 6 -1.10 0.90 4.62
C VAL A 6 -1.37 -0.44 5.32
N ARG A 8 -4.01 -1.61 6.98
CA ARG A 8 -5.39 -1.56 7.30
C ARG A 8 -5.94 -2.95 7.31
N ARG A 9 -6.77 -3.23 8.25
CA ARG A 9 -7.36 -4.53 8.39
C ARG A 9 -8.48 -4.71 7.40
N GLY A 10 -8.07 -5.07 6.22
CA GLY A 10 -8.95 -5.28 5.11
C GLY A 10 -8.17 -5.09 3.85
N VAL A 11 -7.50 -3.97 3.77
CA VAL A 11 -6.68 -3.61 2.64
C VAL A 11 -5.31 -3.26 3.15
N ARG A 13 -0.86 -3.42 2.61
CA ARG A 13 0.11 -2.89 1.68
C ARG A 13 0.12 -3.66 0.36
N VAL A 15 2.59 -3.69 -3.56
CA VAL A 15 3.94 -3.46 -4.04
C VAL A 15 4.34 -1.98 -3.90
N ARG A 17 6.22 1.09 -5.20
CA ARG A 17 6.83 1.67 -6.35
C ARG A 17 7.57 2.91 -5.93
N ARG A 18 8.55 3.23 -6.71
CA ARG A 18 9.46 4.35 -6.48
C ARG A 18 8.79 5.65 -6.88
N GLY A 1 7.91 6.11 -6.17
CA GLY A 1 6.96 7.02 -6.73
C GLY A 1 5.56 6.63 -6.35
N VAL A 2 5.29 5.35 -6.38
CA VAL A 2 3.99 4.83 -6.03
C VAL A 2 4.08 3.78 -4.94
N ARG A 4 2.02 2.17 -1.58
CA ARG A 4 0.74 2.01 -0.94
C ARG A 4 0.88 2.22 0.55
N VAL A 6 -0.38 1.92 4.81
CA VAL A 6 -0.27 0.95 5.89
C VAL A 6 -1.06 -0.32 5.60
N ARG A 8 -3.32 -2.50 6.72
CA ARG A 8 -4.37 -2.50 7.67
C ARG A 8 -5.10 -3.82 7.56
N ARG A 9 -5.88 -4.13 8.55
CA ARG A 9 -6.54 -5.41 8.64
C ARG A 9 -7.81 -5.41 7.79
N GLY A 10 -7.61 -5.48 6.51
CA GLY A 10 -8.68 -5.51 5.57
C GLY A 10 -8.35 -4.69 4.36
N VAL A 11 -7.96 -3.46 4.60
CA VAL A 11 -7.62 -2.56 3.53
C VAL A 11 -6.11 -2.48 3.45
N ARG A 13 -2.83 -3.00 0.59
CA ARG A 13 -2.10 -3.28 -0.61
C ARG A 13 -0.69 -2.91 -0.28
N VAL A 15 2.28 -2.25 -2.23
CA VAL A 15 3.09 -1.99 -3.37
C VAL A 15 4.06 -0.89 -3.01
N ARG A 17 6.93 0.97 -4.85
CA ARG A 17 7.74 1.35 -5.97
C ARG A 17 8.14 2.78 -5.73
N ARG A 18 9.24 3.19 -6.29
CA ARG A 18 9.70 4.56 -6.14
C ARG A 18 8.80 5.49 -6.90
N GLY A 1 5.61 5.88 -5.67
CA GLY A 1 4.42 6.66 -5.70
C GLY A 1 3.40 6.03 -4.81
N VAL A 2 3.42 4.72 -4.78
CA VAL A 2 2.58 3.92 -3.91
C VAL A 2 3.39 2.78 -3.29
N ARG A 4 4.56 0.72 0.38
CA ARG A 4 3.78 0.19 1.46
C ARG A 4 3.53 1.26 2.53
N VAL A 6 0.04 1.78 3.34
CA VAL A 6 -1.36 1.49 3.51
C VAL A 6 -1.42 0.14 4.16
N ARG A 8 -3.85 -1.45 6.28
CA ARG A 8 -5.14 -1.60 6.88
C ARG A 8 -5.59 -3.03 6.73
N ARG A 9 -6.37 -3.48 7.67
CA ARG A 9 -6.75 -4.88 7.74
C ARG A 9 -7.89 -5.18 6.78
N GLY A 10 -7.54 -5.33 5.54
CA GLY A 10 -8.47 -5.59 4.49
C GLY A 10 -8.00 -4.89 3.25
N VAL A 11 -7.61 -3.65 3.43
CA VAL A 11 -7.08 -2.87 2.35
C VAL A 11 -5.63 -2.56 2.69
N ARG A 13 -2.01 -2.23 1.14
CA ARG A 13 -1.37 -2.01 -0.12
C ARG A 13 0.14 -1.98 0.08
N VAL A 15 2.87 -2.34 -2.00
CA VAL A 15 3.33 -2.30 -3.34
C VAL A 15 4.69 -1.62 -3.38
N ARG A 17 6.24 0.62 -5.69
CA ARG A 17 6.23 1.60 -6.76
C ARG A 17 6.58 2.94 -6.15
N ARG A 18 7.35 3.75 -6.85
CA ARG A 18 7.73 5.06 -6.32
C ARG A 18 6.58 6.04 -6.50
N GLY A 1 6.49 5.92 -6.43
CA GLY A 1 5.49 6.93 -6.56
C GLY A 1 4.28 6.59 -5.72
N VAL A 2 3.91 5.33 -5.69
CA VAL A 2 2.73 4.86 -4.97
C VAL A 2 3.01 3.56 -4.21
N ARG A 4 2.11 2.53 -0.55
CA ARG A 4 1.50 2.78 0.73
C ARG A 4 1.74 1.63 1.70
N VAL A 6 0.52 0.58 4.55
CA VAL A 6 -0.65 0.72 5.39
C VAL A 6 -1.04 -0.65 5.95
N ARG A 8 -4.38 -1.88 7.05
CA ARG A 8 -5.80 -1.91 7.19
C ARG A 8 -6.31 -3.26 6.76
N ARG A 9 -7.49 -3.58 7.18
CA ARG A 9 -8.09 -4.85 6.87
C ARG A 9 -8.72 -4.80 5.51
N GLY A 10 -7.94 -5.11 4.53
CA GLY A 10 -8.36 -5.03 3.16
C GLY A 10 -7.35 -4.26 2.38
N VAL A 11 -7.05 -3.09 2.86
CA VAL A 11 -6.05 -2.26 2.24
C VAL A 11 -4.77 -2.37 3.04
N ARG A 13 -0.43 -3.10 2.94
CA ARG A 13 0.74 -2.57 2.28
C ARG A 13 0.76 -2.90 0.80
N VAL A 15 2.66 -3.02 -2.85
CA VAL A 15 4.01 -3.33 -3.35
C VAL A 15 4.68 -2.02 -3.75
N ARG A 17 5.86 0.48 -5.55
CA ARG A 17 5.87 1.10 -6.82
C ARG A 17 6.34 2.50 -6.61
N ARG A 18 7.37 2.87 -7.32
CA ARG A 18 8.00 4.18 -7.18
C ARG A 18 6.95 5.26 -7.47
N GLY A 1 3.42 5.00 -6.03
CA GLY A 1 3.44 5.87 -4.88
C GLY A 1 2.98 5.19 -3.64
N VAL A 2 2.21 4.14 -3.82
CA VAL A 2 1.72 3.38 -2.71
C VAL A 2 2.75 2.33 -2.36
N ARG A 4 5.04 0.45 0.99
CA ARG A 4 4.66 -0.13 2.29
C ARG A 4 4.16 0.96 3.25
N VAL A 6 0.57 2.01 6.14
CA VAL A 6 -0.33 1.58 7.20
C VAL A 6 -1.20 0.42 6.70
N ARG A 8 -4.11 -0.73 6.02
CA ARG A 8 -5.46 -0.40 5.72
C ARG A 8 -6.03 -1.53 4.93
N ARG A 9 -7.11 -2.05 5.42
CA ARG A 9 -7.72 -3.27 4.92
C ARG A 9 -8.12 -3.17 3.47
N GLY A 10 -7.35 -3.82 2.64
CA GLY A 10 -7.64 -3.88 1.25
C GLY A 10 -6.69 -3.03 0.44
N VAL A 11 -5.91 -2.21 1.11
CA VAL A 11 -5.01 -1.33 0.40
C VAL A 11 -3.66 -1.25 1.14
N ARG A 13 -0.06 -2.49 1.08
CA ARG A 13 0.92 -3.06 0.18
C ARG A 13 2.29 -3.11 0.82
N VAL A 15 4.81 -3.43 -1.53
CA VAL A 15 5.40 -3.28 -2.82
C VAL A 15 5.14 -1.88 -3.27
N ARG A 17 4.01 0.53 -5.46
CA ARG A 17 3.12 0.61 -6.59
C ARG A 17 2.51 1.98 -6.74
N ARG A 18 3.08 2.75 -7.67
CA ARG A 18 2.57 4.06 -8.07
C ARG A 18 2.44 5.02 -6.89
N GLY A 1 6.27 6.29 -6.12
CA GLY A 1 5.24 7.29 -6.07
C GLY A 1 4.27 6.90 -5.00
N VAL A 2 3.98 5.63 -4.95
CA VAL A 2 3.14 5.05 -3.93
C VAL A 2 3.81 3.78 -3.38
N ARG A 4 4.38 0.92 -0.22
CA ARG A 4 3.54 0.10 0.60
C ARG A 4 3.43 0.61 2.02
N VAL A 6 0.89 0.03 4.61
CA VAL A 6 -0.24 -0.79 4.90
C VAL A 6 -1.08 -0.20 6.05
N ARG A 8 -4.74 -0.40 6.07
CA ARG A 8 -6.08 -0.82 5.78
C ARG A 8 -6.34 -2.16 6.39
N ARG A 9 -7.21 -2.16 7.34
CA ARG A 9 -7.60 -3.34 8.06
C ARG A 9 -8.55 -4.15 7.20
N GLY A 10 -7.97 -4.86 6.29
CA GLY A 10 -8.68 -5.63 5.34
C GLY A 10 -7.83 -5.87 4.13
N VAL A 11 -6.97 -4.91 3.80
CA VAL A 11 -6.12 -5.05 2.64
C VAL A 11 -4.78 -4.35 2.85
N ARG A 13 -1.99 -3.04 1.32
CA ARG A 13 -1.55 -2.48 0.05
C ARG A 13 -0.03 -2.59 -0.09
N VAL A 15 2.44 -2.23 -2.42
CA VAL A 15 2.91 -1.68 -3.67
C VAL A 15 4.32 -1.07 -3.54
N ARG A 17 6.03 0.95 -5.61
CA ARG A 17 6.07 1.82 -6.73
C ARG A 17 6.68 3.13 -6.32
N ARG A 18 7.41 3.73 -7.21
CA ARG A 18 8.06 5.00 -6.96
C ARG A 18 7.09 6.14 -7.13
N GLY A 1 6.39 6.31 -6.22
CA GLY A 1 5.31 7.17 -6.61
C GLY A 1 4.09 6.85 -5.83
N VAL A 2 3.73 5.57 -5.84
CA VAL A 2 2.54 5.08 -5.16
C VAL A 2 2.83 3.76 -4.43
N ARG A 4 1.84 1.93 -1.28
CA ARG A 4 0.95 1.81 -0.14
C ARG A 4 1.63 1.05 0.97
N VAL A 6 0.55 0.93 4.12
CA VAL A 6 -0.44 0.87 5.19
C VAL A 6 -0.79 -0.58 5.46
N ARG A 8 -4.18 -1.92 6.91
CA ARG A 8 -5.50 -1.84 7.43
C ARG A 8 -6.20 -3.13 7.12
N ARG A 9 -7.08 -3.52 7.97
CA ARG A 9 -7.80 -4.77 7.79
C ARG A 9 -8.89 -4.59 6.74
N GLY A 10 -8.48 -4.72 5.50
CA GLY A 10 -9.35 -4.55 4.37
C GLY A 10 -8.56 -4.03 3.20
N VAL A 11 -7.59 -3.20 3.51
CA VAL A 11 -6.71 -2.63 2.52
C VAL A 11 -5.29 -2.57 3.10
N ARG A 13 -0.86 -3.27 2.49
CA ARG A 13 0.26 -2.74 1.73
C ARG A 13 0.34 -3.30 0.32
N VAL A 15 3.36 -3.55 -3.13
CA VAL A 15 4.79 -3.54 -3.40
C VAL A 15 5.25 -2.11 -3.65
N ARG A 17 6.57 0.86 -5.07
CA ARG A 17 6.84 1.41 -6.36
C ARG A 17 7.00 2.89 -6.15
N ARG A 18 8.01 3.48 -6.75
CA ARG A 18 8.31 4.90 -6.51
C ARG A 18 7.22 5.78 -7.09
N GLY A 1 5.96 6.33 -6.60
CA GLY A 1 4.95 7.18 -7.13
C GLY A 1 3.69 6.99 -6.31
N VAL A 2 3.44 5.73 -5.95
CA VAL A 2 2.33 5.29 -5.11
C VAL A 2 2.80 4.12 -4.21
N ARG A 4 2.48 2.02 -1.22
CA ARG A 4 1.56 1.64 -0.21
C ARG A 4 2.02 0.43 0.55
N VAL A 6 0.87 -0.44 3.92
CA VAL A 6 -0.06 -0.16 4.97
C VAL A 6 -0.76 -1.42 5.39
N ARG A 8 -4.01 -1.70 6.72
CA ARG A 8 -5.31 -1.21 7.02
C ARG A 8 -6.31 -2.30 6.73
N ARG A 9 -7.30 -2.43 7.56
CA ARG A 9 -8.37 -3.40 7.34
C ARG A 9 -9.10 -3.06 6.05
N GLY A 10 -8.79 -3.81 5.02
CA GLY A 10 -9.35 -3.60 3.73
C GLY A 10 -8.28 -3.48 2.69
N VAL A 11 -7.15 -2.92 3.09
CA VAL A 11 -6.04 -2.70 2.21
C VAL A 11 -4.71 -2.88 2.96
N ARG A 13 -1.73 -3.49 1.52
CA ARG A 13 -0.74 -3.48 0.46
C ARG A 13 0.65 -3.35 1.05
N VAL A 15 3.74 -2.81 -1.15
CA VAL A 15 4.49 -2.63 -2.35
C VAL A 15 4.78 -1.17 -2.59
N ARG A 17 5.74 1.02 -5.24
CA ARG A 17 5.94 1.48 -6.58
C ARG A 17 6.20 2.95 -6.43
N ARG A 18 7.41 3.39 -6.73
CA ARG A 18 7.76 4.78 -6.52
C ARG A 18 6.88 5.73 -7.32
N GLY A 1 5.43 4.16 -7.65
CA GLY A 1 4.05 4.12 -7.99
C GLY A 1 3.23 4.49 -6.80
N VAL A 2 3.25 3.65 -5.81
CA VAL A 2 2.56 3.91 -4.59
C VAL A 2 3.26 3.20 -3.44
N ARG A 4 3.34 2.82 -0.27
CA ARG A 4 2.48 3.11 0.84
C ARG A 4 2.46 1.92 1.78
N VAL A 6 0.42 0.64 4.48
CA VAL A 6 -0.79 0.54 5.30
C VAL A 6 -1.16 -0.91 5.41
N ARG A 8 -4.24 -2.79 6.99
CA ARG A 8 -5.51 -3.02 7.60
C ARG A 8 -6.28 -3.99 6.75
N ARG A 9 -7.07 -4.83 7.36
CA ARG A 9 -7.85 -5.81 6.61
C ARG A 9 -8.97 -5.12 5.87
N GLY A 10 -8.70 -4.85 4.62
CA GLY A 10 -9.57 -4.11 3.75
C GLY A 10 -8.75 -3.21 2.87
N VAL A 11 -7.63 -2.77 3.43
CA VAL A 11 -6.67 -1.88 2.77
C VAL A 11 -5.24 -2.21 3.23
N ARG A 13 -1.63 -2.39 1.84
CA ARG A 13 -0.93 -1.95 0.68
C ARG A 13 0.55 -2.23 0.83
N VAL A 15 4.52 -1.44 -0.72
CA VAL A 15 5.24 -0.30 -1.25
C VAL A 15 5.54 -0.47 -2.74
N ARG A 17 7.02 0.69 -5.38
CA ARG A 17 8.20 1.42 -5.90
C ARG A 17 7.89 2.27 -7.12
N ARG A 18 8.02 3.58 -6.93
CA ARG A 18 7.75 4.60 -7.95
C ARG A 18 6.33 4.54 -8.49
N GLY A 1 9.07 3.63 -5.55
CA GLY A 1 9.66 3.55 -4.24
C GLY A 1 8.68 3.05 -3.22
N VAL A 2 7.75 3.90 -2.84
CA VAL A 2 6.79 3.56 -1.82
C VAL A 2 5.38 3.98 -2.19
N ARG A 4 1.97 2.46 -0.78
CA ARG A 4 1.39 1.55 0.14
C ARG A 4 0.17 2.15 0.78
N VAL A 6 -2.88 2.53 3.59
CA VAL A 6 -2.87 2.65 5.03
C VAL A 6 -2.90 1.27 5.69
N ARG A 8 -3.93 -1.38 7.47
CA ARG A 8 -5.13 -1.92 8.03
C ARG A 8 -5.10 -3.41 7.76
N ARG A 9 -5.63 -4.20 8.66
CA ARG A 9 -5.68 -5.64 8.47
C ARG A 9 -6.78 -5.99 7.50
N GLY A 10 -6.41 -6.13 6.27
CA GLY A 10 -7.35 -6.43 5.22
C GLY A 10 -6.83 -5.89 3.93
N VAL A 11 -6.62 -4.59 3.89
CA VAL A 11 -6.08 -3.96 2.71
C VAL A 11 -4.93 -3.09 3.09
N ARG A 13 -2.19 -2.84 0.73
CA ARG A 13 -1.54 -3.08 -0.53
C ARG A 13 -0.27 -2.28 -0.62
N VAL A 15 1.82 -1.87 -3.36
CA VAL A 15 2.16 -1.85 -4.74
C VAL A 15 3.09 -0.67 -5.00
N ARG A 17 5.05 2.08 -6.19
CA ARG A 17 5.08 2.96 -7.31
C ARG A 17 6.13 4.00 -7.05
N ARG A 18 7.27 3.82 -7.71
CA ARG A 18 8.43 4.70 -7.60
C ARG A 18 8.99 4.78 -6.19
N GLY A 1 9.01 2.97 -6.09
CA GLY A 1 9.67 1.96 -5.30
C GLY A 1 8.66 1.18 -4.52
N VAL A 2 8.03 1.84 -3.59
CA VAL A 2 7.02 1.27 -2.77
C VAL A 2 6.04 2.35 -2.35
N ARG A 4 3.21 2.38 -0.01
CA ARG A 4 2.46 1.72 1.00
C ARG A 4 1.90 2.72 2.01
N VAL A 6 -0.85 2.96 5.44
CA VAL A 6 -1.46 2.15 6.50
C VAL A 6 -2.97 2.03 6.34
N ARG A 8 -6.11 -1.48 6.42
CA ARG A 8 -6.46 -2.66 7.16
C ARG A 8 -5.38 -3.72 7.13
N ARG A 9 -5.41 -4.50 8.14
CA ARG A 9 -4.51 -5.62 8.30
C ARG A 9 -5.05 -6.78 7.50
N GLY A 10 -4.72 -6.76 6.24
CA GLY A 10 -5.18 -7.74 5.31
C GLY A 10 -5.41 -7.10 3.99
N VAL A 11 -5.95 -5.90 4.03
CA VAL A 11 -6.22 -5.13 2.85
C VAL A 11 -5.54 -3.79 3.00
N ARG A 13 -3.00 -1.02 0.91
CA ARG A 13 -2.44 -0.63 -0.35
C ARG A 13 -0.95 -0.50 -0.27
N VAL A 15 1.28 -0.72 -3.26
CA VAL A 15 1.53 -0.78 -4.68
C VAL A 15 2.94 -0.32 -4.95
N ARG A 17 4.72 2.13 -6.42
CA ARG A 17 4.87 3.42 -7.00
C ARG A 17 6.00 4.12 -6.32
N ARG A 18 7.00 4.49 -7.12
CA ARG A 18 8.21 5.15 -6.67
C ARG A 18 8.97 4.23 -5.72
#